data_6I67
#
_entry.id   6I67
#
_cell.length_a   64.085
_cell.length_b   64.085
_cell.length_c   133.800
_cell.angle_alpha   90.00
_cell.angle_beta   90.00
_cell.angle_gamma   90.00
#
_symmetry.space_group_name_H-M   'P 41 21 2'
#
loop_
_entity.id
_entity.type
_entity.pdbx_description
1 polymer 'Estrogen-related receptor gamma'
2 non-polymer 5,6,7,8-tetrahydronaphthalen-2-ol
3 non-polymer GLYCEROL
4 water water
#
_entity_poly.entity_id   1
_entity_poly.type   'polypeptide(L)'
_entity_poly.pdbx_seq_one_letter_code
;GPHMLNPQLVQPAKKPYNKIVSHLLVAEPEKIYAMPDPTVPDSDIKALTTLCDLADRELVVIIGWAKHIPGFSTLSLADQ
MSLLQSAWMEILILGVVYRSLSFEDELVYADDYIMDEDQSKLAGLLDLNNAILQLVKKYKSMKLEKEEFVTLKAIALANS
DSMHIEDVEAVQKLQDVLHEALQDYEAGQHMEDPRRAGKMLMTLPLLRQTSTKAVQHFYNIKLEGKVPMHKLFLEMLEAK
V
;
_entity_poly.pdbx_strand_id   A
#
loop_
_chem_comp.id
_chem_comp.type
_chem_comp.name
_chem_comp.formula
GOL non-polymer GLYCEROL 'C3 H8 O3'
H42 non-polymer 5,6,7,8-tetrahydronaphthalen-2-ol 'C10 H12 O'
#
# COMPACT_ATOMS: atom_id res chain seq x y z
N TYR A 17 12.91 -5.54 -20.05
CA TYR A 17 13.37 -6.10 -18.78
C TYR A 17 12.45 -7.22 -18.29
N ASN A 18 12.45 -7.41 -16.97
CA ASN A 18 11.80 -8.56 -16.36
C ASN A 18 10.30 -8.59 -16.67
N LYS A 19 9.79 -9.79 -17.01
CA LYS A 19 8.41 -9.90 -17.48
CA LYS A 19 8.41 -9.90 -17.48
C LYS A 19 7.41 -9.69 -16.35
N ILE A 20 7.71 -10.22 -15.16
CA ILE A 20 6.78 -10.00 -14.05
C ILE A 20 6.62 -8.52 -13.78
N VAL A 21 7.72 -7.78 -13.82
CA VAL A 21 7.66 -6.33 -13.60
C VAL A 21 6.80 -5.67 -14.67
N SER A 22 7.03 -6.02 -15.94
CA SER A 22 6.22 -5.42 -16.99
CA SER A 22 6.23 -5.45 -17.03
C SER A 22 4.76 -5.81 -16.86
N HIS A 23 4.49 -7.03 -16.39
CA HIS A 23 3.13 -7.48 -16.16
C HIS A 23 2.47 -6.69 -15.05
N LEU A 24 3.17 -6.52 -13.92
CA LEU A 24 2.60 -5.72 -12.84
C LEU A 24 2.35 -4.28 -13.30
N LEU A 25 3.22 -3.76 -14.16
CA LEU A 25 3.04 -2.40 -14.67
CA LEU A 25 3.05 -2.40 -14.69
C LEU A 25 1.75 -2.28 -15.46
N VAL A 26 1.48 -3.22 -16.38
CA VAL A 26 0.27 -3.11 -17.18
CA VAL A 26 0.28 -3.15 -17.19
C VAL A 26 -0.96 -3.45 -16.39
N ALA A 27 -0.82 -4.15 -15.26
CA ALA A 27 -1.95 -4.46 -14.40
C ALA A 27 -2.24 -3.36 -13.39
N GLU A 28 -1.47 -2.29 -13.42
CA GLU A 28 -1.63 -1.23 -12.43
C GLU A 28 -2.99 -0.57 -12.59
N PRO A 29 -3.77 -0.46 -11.53
CA PRO A 29 -5.10 0.16 -11.65
C PRO A 29 -5.04 1.65 -11.92
N GLU A 30 -6.11 2.15 -12.53
CA GLU A 30 -6.29 3.58 -12.72
C GLU A 30 -6.52 4.27 -11.37
N LYS A 31 -6.08 5.51 -11.28
CA LYS A 31 -6.32 6.30 -10.07
C LYS A 31 -7.82 6.56 -9.91
N ILE A 32 -8.25 6.71 -8.66
CA ILE A 32 -9.64 7.04 -8.38
C ILE A 32 -9.69 8.33 -7.59
N TYR A 33 -10.87 8.95 -7.56
CA TYR A 33 -11.03 10.26 -6.96
C TYR A 33 -11.60 10.12 -5.57
N ALA A 34 -11.18 11.03 -4.67
CA ALA A 34 -11.71 11.00 -3.32
C ALA A 34 -13.12 11.57 -3.25
N MET A 35 -13.39 12.61 -4.04
CA MET A 35 -14.69 13.27 -4.07
C MET A 35 -15.18 13.62 -2.66
N PRO A 36 -14.46 14.47 -1.93
CA PRO A 36 -15.00 14.95 -0.65
C PRO A 36 -16.31 15.69 -0.90
N ASP A 37 -17.29 15.47 -0.02
CA ASP A 37 -18.66 15.98 -0.21
C ASP A 37 -18.67 17.51 -0.16
N PRO A 38 -18.95 18.20 -1.27
CA PRO A 38 -18.87 19.67 -1.27
C PRO A 38 -19.97 20.34 -0.48
N THR A 39 -20.97 19.58 -0.04
CA THR A 39 -22.04 20.16 0.77
C THR A 39 -21.77 20.05 2.26
N VAL A 40 -20.71 19.35 2.65
CA VAL A 40 -20.42 19.07 4.06
C VAL A 40 -19.38 20.07 4.54
N PRO A 41 -19.54 20.68 5.72
CA PRO A 41 -18.50 21.60 6.20
C PRO A 41 -17.21 20.85 6.49
N ASP A 42 -16.09 21.50 6.21
CA ASP A 42 -14.79 20.93 6.52
C ASP A 42 -14.67 20.72 8.02
N SER A 43 -14.17 19.55 8.41
CA SER A 43 -14.02 19.15 9.80
C SER A 43 -13.15 17.91 9.82
N ASP A 44 -12.73 17.51 11.02
CA ASP A 44 -11.96 16.28 11.14
C ASP A 44 -12.80 15.08 10.71
N ILE A 45 -14.09 15.08 11.02
CA ILE A 45 -14.98 13.97 10.67
CA ILE A 45 -14.87 13.91 10.67
C ILE A 45 -15.15 13.87 9.16
N LYS A 46 -15.26 15.02 8.48
CA LYS A 46 -15.37 15.00 7.03
C LYS A 46 -14.09 14.46 6.39
N ALA A 47 -12.93 14.91 6.89
CA ALA A 47 -11.67 14.41 6.35
C ALA A 47 -11.53 12.91 6.57
N LEU A 48 -11.82 12.45 7.78
CA LEU A 48 -11.70 11.03 8.08
C LEU A 48 -12.74 10.21 7.32
N THR A 49 -13.97 10.72 7.20
CA THR A 49 -14.98 10.04 6.39
C THR A 49 -14.53 9.93 4.94
N THR A 50 -13.98 11.00 4.39
CA THR A 50 -13.51 11.01 3.01
C THR A 50 -12.42 9.96 2.81
N LEU A 51 -11.48 9.91 3.74
CA LEU A 51 -10.35 8.98 3.63
C LEU A 51 -10.82 7.54 3.75
N CYS A 52 -11.70 7.24 4.71
CA CYS A 52 -12.18 5.88 4.88
C CYS A 52 -13.02 5.43 3.70
N ASP A 53 -13.78 6.36 3.11
CA ASP A 53 -14.54 6.02 1.91
C ASP A 53 -13.63 5.75 0.73
N LEU A 54 -12.58 6.55 0.58
CA LEU A 54 -11.60 6.34 -0.48
C LEU A 54 -10.89 5.01 -0.31
N ALA A 55 -10.46 4.70 0.92
CA ALA A 55 -9.78 3.43 1.18
C ALA A 55 -10.70 2.25 0.86
N ASP A 56 -11.98 2.36 1.22
CA ASP A 56 -12.92 1.28 0.93
C ASP A 56 -12.98 1.00 -0.57
N ARG A 57 -13.04 2.04 -1.40
CA ARG A 57 -13.10 1.82 -2.85
C ARG A 57 -11.75 1.33 -3.39
N GLU A 58 -10.65 1.80 -2.81
CA GLU A 58 -9.35 1.28 -3.22
C GLU A 58 -9.20 -0.19 -2.88
N LEU A 59 -9.77 -0.64 -1.77
CA LEU A 59 -9.64 -2.05 -1.38
C LEU A 59 -10.33 -2.96 -2.38
N VAL A 60 -11.46 -2.53 -2.94
CA VAL A 60 -12.08 -3.29 -4.01
C VAL A 60 -11.12 -3.42 -5.18
N VAL A 61 -10.47 -2.31 -5.55
CA VAL A 61 -9.53 -2.33 -6.67
C VAL A 61 -8.33 -3.22 -6.36
N ILE A 62 -7.84 -3.18 -5.11
CA ILE A 62 -6.68 -3.98 -4.73
C ILE A 62 -6.99 -5.47 -4.86
N ILE A 63 -8.19 -5.87 -4.44
CA ILE A 63 -8.60 -7.27 -4.55
C ILE A 63 -8.60 -7.72 -6.00
N GLY A 64 -9.10 -6.87 -6.90
CA GLY A 64 -9.03 -7.20 -8.31
C GLY A 64 -7.61 -7.21 -8.85
N TRP A 65 -6.79 -6.26 -8.42
CA TRP A 65 -5.41 -6.20 -8.90
C TRP A 65 -4.63 -7.45 -8.51
N ALA A 66 -4.86 -7.97 -7.29
CA ALA A 66 -4.05 -9.09 -6.82
C ALA A 66 -4.22 -10.34 -7.69
N LYS A 67 -5.37 -10.47 -8.38
CA LYS A 67 -5.57 -11.63 -9.25
C LYS A 67 -4.59 -11.66 -10.41
N HIS A 68 -3.95 -10.53 -10.73
CA HIS A 68 -2.96 -10.50 -11.80
C HIS A 68 -1.57 -10.90 -11.35
N ILE A 69 -1.32 -11.00 -10.05
CA ILE A 69 -0.01 -11.41 -9.54
C ILE A 69 0.16 -12.90 -9.83
N PRO A 70 1.24 -13.30 -10.54
CA PRO A 70 1.43 -14.73 -10.86
C PRO A 70 1.36 -15.62 -9.64
N GLY A 71 0.46 -16.61 -9.67
CA GLY A 71 0.32 -17.57 -8.62
C GLY A 71 -0.64 -17.19 -7.50
N PHE A 72 -1.07 -15.93 -7.42
CA PHE A 72 -1.92 -15.53 -6.30
C PHE A 72 -3.28 -16.20 -6.38
N SER A 73 -3.92 -16.19 -7.55
CA SER A 73 -5.26 -16.77 -7.67
CA SER A 73 -5.25 -16.78 -7.69
C SER A 73 -5.26 -18.29 -7.47
N THR A 74 -4.11 -18.95 -7.62
CA THR A 74 -4.07 -20.39 -7.37
C THR A 74 -4.01 -20.74 -5.89
N LEU A 75 -3.62 -19.81 -5.03
CA LEU A 75 -3.77 -20.04 -3.60
C LEU A 75 -5.24 -20.26 -3.27
N SER A 76 -5.49 -20.84 -2.10
CA SER A 76 -6.85 -21.00 -1.63
C SER A 76 -7.46 -19.63 -1.34
N LEU A 77 -8.80 -19.58 -1.39
CA LEU A 77 -9.49 -18.34 -1.04
C LEU A 77 -9.10 -17.86 0.36
N ALA A 78 -8.94 -18.79 1.29
CA ALA A 78 -8.58 -18.42 2.66
C ALA A 78 -7.19 -17.82 2.71
N ASP A 79 -6.24 -18.39 1.97
CA ASP A 79 -4.89 -17.84 1.96
C ASP A 79 -4.85 -16.51 1.22
N GLN A 80 -5.61 -16.38 0.13
CA GLN A 80 -5.71 -15.09 -0.54
C GLN A 80 -6.25 -14.03 0.40
N MET A 81 -7.33 -14.34 1.12
CA MET A 81 -7.88 -13.36 2.06
CA MET A 81 -7.90 -13.39 2.08
C MET A 81 -6.92 -13.10 3.20
N SER A 82 -6.18 -14.12 3.67
CA SER A 82 -5.26 -13.89 4.79
C SER A 82 -4.15 -12.94 4.39
N LEU A 83 -3.61 -13.12 3.17
CA LEU A 83 -2.59 -12.20 2.67
CA LEU A 83 -2.58 -12.20 2.67
C LEU A 83 -3.13 -10.78 2.58
N LEU A 84 -4.31 -10.62 1.98
CA LEU A 84 -4.89 -9.29 1.85
C LEU A 84 -5.20 -8.66 3.20
N GLN A 85 -5.73 -9.45 4.14
CA GLN A 85 -6.07 -8.87 5.43
C GLN A 85 -4.83 -8.44 6.22
N SER A 86 -3.67 -9.05 5.92
CA SER A 86 -2.45 -8.61 6.58
C SER A 86 -1.80 -7.42 5.88
N ALA A 87 -1.91 -7.33 4.56
CA ALA A 87 -1.12 -6.40 3.78
C ALA A 87 -1.88 -5.16 3.31
N TRP A 88 -3.20 -5.09 3.52
CA TRP A 88 -3.99 -4.10 2.80
C TRP A 88 -3.51 -2.67 3.08
N MET A 89 -3.18 -2.37 4.33
CA MET A 89 -2.78 -1.01 4.65
C MET A 89 -1.39 -0.68 4.11
N GLU A 90 -0.48 -1.65 4.07
CA GLU A 90 0.80 -1.40 3.41
C GLU A 90 0.60 -1.07 1.94
N ILE A 91 -0.33 -1.75 1.28
CA ILE A 91 -0.58 -1.48 -0.13
C ILE A 91 -1.19 -0.10 -0.30
N LEU A 92 -2.15 0.25 0.54
CA LEU A 92 -2.72 1.60 0.48
C LEU A 92 -1.66 2.65 0.69
N ILE A 93 -0.80 2.45 1.69
CA ILE A 93 0.19 3.47 2.01
C ILE A 93 1.23 3.59 0.90
N LEU A 94 1.67 2.45 0.33
CA LEU A 94 2.60 2.53 -0.79
CA LEU A 94 2.60 2.53 -0.79
C LEU A 94 2.03 3.38 -1.92
N GLY A 95 0.73 3.30 -2.15
CA GLY A 95 0.11 4.12 -3.20
C GLY A 95 0.20 5.60 -2.91
N VAL A 96 -0.18 6.02 -1.71
CA VAL A 96 -0.08 7.44 -1.36
C VAL A 96 1.36 7.89 -1.46
N VAL A 97 2.30 7.06 -1.00
CA VAL A 97 3.71 7.40 -1.08
C VAL A 97 4.13 7.63 -2.52
N TYR A 98 3.79 6.70 -3.41
CA TYR A 98 4.21 6.82 -4.79
C TYR A 98 3.60 8.06 -5.44
N ARG A 99 2.32 8.31 -5.21
CA ARG A 99 1.67 9.48 -5.80
C ARG A 99 2.26 10.78 -5.29
N SER A 100 2.88 10.76 -4.12
CA SER A 100 3.40 11.96 -3.48
C SER A 100 4.85 12.27 -3.79
N LEU A 101 5.53 11.45 -4.61
CA LEU A 101 6.98 11.58 -4.77
C LEU A 101 7.37 12.91 -5.42
N SER A 102 6.56 13.44 -6.32
CA SER A 102 6.89 14.70 -6.98
CA SER A 102 6.86 14.70 -6.99
C SER A 102 6.41 15.92 -6.20
N PHE A 103 5.91 15.72 -4.97
CA PHE A 103 5.40 16.79 -4.13
C PHE A 103 6.35 17.01 -2.96
N GLU A 104 6.13 18.10 -2.23
CA GLU A 104 6.97 18.45 -1.08
C GLU A 104 6.07 18.67 0.12
N ASP A 105 6.23 17.82 1.13
CA ASP A 105 5.52 17.90 2.41
C ASP A 105 4.00 17.82 2.25
N GLU A 106 3.52 17.23 1.15
CA GLU A 106 2.10 17.00 0.95
C GLU A 106 1.89 15.54 0.57
N LEU A 107 0.72 15.01 0.93
CA LEU A 107 0.39 13.62 0.61
C LEU A 107 -0.77 13.58 -0.37
N VAL A 108 -0.54 12.97 -1.52
CA VAL A 108 -1.54 12.93 -2.59
C VAL A 108 -2.35 11.66 -2.34
N TYR A 109 -3.31 11.75 -1.42
CA TYR A 109 -4.20 10.63 -1.22
C TYR A 109 -5.00 10.36 -2.49
N ALA A 110 -5.37 11.43 -3.19
CA ALA A 110 -5.94 11.35 -4.53
C ALA A 110 -5.66 12.66 -5.23
N ASP A 111 -5.86 12.68 -6.55
CA ASP A 111 -5.62 13.91 -7.30
C ASP A 111 -6.43 15.06 -6.73
N ASP A 112 -7.64 14.77 -6.25
CA ASP A 112 -8.51 15.77 -5.66
C ASP A 112 -8.46 15.76 -4.15
N TYR A 113 -7.42 15.17 -3.55
CA TYR A 113 -7.36 15.15 -2.08
C TYR A 113 -5.88 15.11 -1.66
N ILE A 114 -5.26 16.29 -1.65
CA ILE A 114 -3.84 16.45 -1.33
C ILE A 114 -3.74 17.10 0.03
N MET A 115 -3.13 16.42 0.99
CA MET A 115 -3.11 16.86 2.39
C MET A 115 -1.78 17.50 2.74
N ASP A 116 -1.81 18.80 3.07
CA ASP A 116 -0.63 19.46 3.59
C ASP A 116 -0.64 19.40 5.11
N GLU A 117 0.35 20.04 5.73
CA GLU A 117 0.50 19.92 7.19
C GLU A 117 -0.72 20.47 7.92
N ASP A 118 -1.27 21.59 7.47
CA ASP A 118 -2.42 22.15 8.16
C ASP A 118 -3.61 21.21 8.09
N GLN A 119 -3.84 20.60 6.92
CA GLN A 119 -4.95 19.67 6.79
C GLN A 119 -4.75 18.45 7.67
N SER A 120 -3.52 17.95 7.76
CA SER A 120 -3.25 16.80 8.61
C SER A 120 -3.58 17.12 10.07
N LYS A 121 -3.18 18.29 10.55
CA LYS A 121 -3.53 18.70 11.91
C LYS A 121 -5.04 18.71 12.10
N LEU A 122 -5.77 19.30 11.15
CA LEU A 122 -7.22 19.38 11.24
C LEU A 122 -7.86 18.00 11.33
N ALA A 123 -7.29 17.00 10.66
CA ALA A 123 -7.85 15.65 10.63
C ALA A 123 -7.40 14.79 11.81
N GLY A 124 -6.48 15.27 12.64
CA GLY A 124 -5.93 14.43 13.69
C GLY A 124 -4.87 13.48 13.19
N LEU A 125 -4.31 13.74 12.01
CA LEU A 125 -3.44 12.80 11.30
C LEU A 125 -2.02 13.30 11.16
N LEU A 126 -1.61 14.31 11.95
CA LEU A 126 -0.28 14.87 11.77
C LEU A 126 0.81 13.82 11.98
N ASP A 127 0.69 13.00 13.02
CA ASP A 127 1.74 12.03 13.30
C ASP A 127 1.76 10.92 12.24
N LEU A 128 0.59 10.38 11.90
CA LEU A 128 0.54 9.36 10.84
C LEU A 128 1.10 9.91 9.54
N ASN A 129 0.66 11.11 9.15
CA ASN A 129 1.09 11.63 7.85
C ASN A 129 2.56 12.04 7.86
N ASN A 130 3.09 12.43 9.01
CA ASN A 130 4.54 12.70 9.05
C ASN A 130 5.32 11.40 8.86
N ALA A 131 4.80 10.30 9.41
CA ALA A 131 5.44 9.00 9.20
C ALA A 131 5.38 8.59 7.74
N ILE A 132 4.24 8.80 7.07
CA ILE A 132 4.17 8.53 5.64
C ILE A 132 5.15 9.42 4.87
N LEU A 133 5.29 10.69 5.28
CA LEU A 133 6.23 11.55 4.58
C LEU A 133 7.67 11.11 4.78
N GLN A 134 7.96 10.41 5.88
CA GLN A 134 9.30 9.82 6.05
C GLN A 134 9.54 8.73 5.02
N LEU A 135 8.52 7.91 4.73
CA LEU A 135 8.62 6.95 3.63
C LEU A 135 8.85 7.64 2.29
N VAL A 136 8.09 8.73 2.05
CA VAL A 136 8.26 9.49 0.81
C VAL A 136 9.69 10.00 0.70
N LYS A 137 10.22 10.56 1.79
CA LYS A 137 11.56 11.12 1.79
C LYS A 137 12.58 10.08 1.37
N LYS A 138 12.50 8.89 1.95
CA LYS A 138 13.47 7.85 1.63
C LYS A 138 13.36 7.41 0.18
N TYR A 139 12.13 7.23 -0.33
CA TYR A 139 11.99 6.81 -1.72
C TYR A 139 12.42 7.90 -2.68
N LYS A 140 12.23 9.18 -2.32
CA LYS A 140 12.73 10.27 -3.14
CA LYS A 140 12.74 10.28 -3.12
C LYS A 140 14.24 10.15 -3.33
N SER A 141 14.97 9.96 -2.24
CA SER A 141 16.42 9.87 -2.33
C SER A 141 16.88 8.66 -3.11
N MET A 142 16.10 7.58 -3.11
CA MET A 142 16.43 6.39 -3.89
C MET A 142 15.95 6.49 -5.33
N LYS A 143 15.23 7.55 -5.68
CA LYS A 143 14.64 7.71 -7.01
C LYS A 143 13.79 6.50 -7.38
N LEU A 144 12.86 6.16 -6.49
CA LEU A 144 11.95 5.04 -6.71
C LEU A 144 11.23 5.17 -8.04
N GLU A 145 11.27 4.10 -8.83
CA GLU A 145 10.65 4.03 -10.14
C GLU A 145 9.29 3.33 -10.05
N LYS A 146 8.44 3.58 -11.05
CA LYS A 146 7.14 2.92 -11.04
C LYS A 146 7.28 1.41 -11.07
N GLU A 147 8.27 0.93 -11.82
CA GLU A 147 8.55 -0.50 -11.88
C GLU A 147 8.83 -1.07 -10.50
N GLU A 148 9.59 -0.34 -9.69
CA GLU A 148 9.96 -0.81 -8.37
C GLU A 148 8.77 -0.72 -7.41
N PHE A 149 7.99 0.35 -7.53
CA PHE A 149 6.80 0.54 -6.71
C PHE A 149 5.81 -0.60 -6.90
N VAL A 150 5.52 -0.97 -8.15
CA VAL A 150 4.50 -2.02 -8.33
C VAL A 150 5.04 -3.36 -7.86
N THR A 151 6.36 -3.59 -7.97
CA THR A 151 6.91 -4.85 -7.50
C THR A 151 6.93 -4.90 -5.98
N LEU A 152 7.22 -3.76 -5.34
CA LEU A 152 7.20 -3.73 -3.88
C LEU A 152 5.78 -3.91 -3.34
N LYS A 153 4.76 -3.37 -4.04
CA LYS A 153 3.39 -3.63 -3.60
C LYS A 153 3.09 -5.11 -3.59
N ALA A 154 3.53 -5.84 -4.61
CA ALA A 154 3.27 -7.27 -4.68
C ALA A 154 4.09 -8.01 -3.62
N ILE A 155 5.34 -7.60 -3.41
CA ILE A 155 6.17 -8.22 -2.38
C ILE A 155 5.54 -8.00 -1.00
N ALA A 156 5.07 -6.77 -0.73
CA ALA A 156 4.43 -6.52 0.55
C ALA A 156 3.25 -7.45 0.78
N LEU A 157 2.47 -7.72 -0.27
CA LEU A 157 1.34 -8.63 -0.15
C LEU A 157 1.80 -10.04 0.20
N ALA A 158 2.79 -10.54 -0.54
CA ALA A 158 3.25 -11.90 -0.32
C ALA A 158 4.00 -12.05 1.00
N ASN A 159 4.66 -11.00 1.45
CA ASN A 159 5.50 -11.03 2.65
C ASN A 159 4.80 -10.49 3.88
N SER A 160 3.48 -10.59 3.94
CA SER A 160 2.75 -9.80 4.93
C SER A 160 2.66 -10.47 6.30
N ASP A 161 3.21 -11.68 6.45
CA ASP A 161 3.40 -12.32 7.75
C ASP A 161 2.10 -12.64 8.46
N SER A 162 1.09 -13.05 7.70
CA SER A 162 -0.15 -13.51 8.31
C SER A 162 0.09 -14.74 9.18
N MET A 163 -0.55 -14.77 10.34
CA MET A 163 -0.48 -15.93 11.23
C MET A 163 -1.34 -17.11 10.76
N HIS A 164 -2.16 -16.94 9.73
CA HIS A 164 -3.24 -17.87 9.43
C HIS A 164 -3.08 -18.57 8.08
N ILE A 165 -1.86 -18.69 7.60
CA ILE A 165 -1.63 -19.27 6.27
C ILE A 165 -1.75 -20.78 6.33
N GLU A 166 -2.46 -21.35 5.34
CA GLU A 166 -2.61 -22.80 5.19
C GLU A 166 -1.43 -23.43 4.45
N ASP A 167 -1.20 -23.00 3.21
CA ASP A 167 -0.11 -23.53 2.39
C ASP A 167 1.08 -22.58 2.50
N VAL A 168 1.89 -22.78 3.55
CA VAL A 168 3.04 -21.93 3.79
C VAL A 168 4.04 -22.03 2.64
N GLU A 169 4.20 -23.22 2.06
CA GLU A 169 5.20 -23.38 1.01
C GLU A 169 4.79 -22.64 -0.27
N ALA A 170 3.48 -22.58 -0.56
CA ALA A 170 3.03 -21.88 -1.76
C ALA A 170 3.16 -20.38 -1.60
N VAL A 171 2.95 -19.87 -0.38
CA VAL A 171 3.16 -18.46 -0.11
C VAL A 171 4.65 -18.12 -0.16
N GLN A 172 5.51 -19.01 0.35
CA GLN A 172 6.95 -18.80 0.21
C GLN A 172 7.35 -18.78 -1.26
N LYS A 173 6.74 -19.66 -2.06
CA LYS A 173 7.01 -19.64 -3.50
C LYS A 173 6.58 -18.32 -4.13
N LEU A 174 5.43 -17.79 -3.72
CA LEU A 174 5.00 -16.49 -4.24
C LEU A 174 6.00 -15.39 -3.86
N GLN A 175 6.47 -15.41 -2.61
CA GLN A 175 7.50 -14.45 -2.21
C GLN A 175 8.74 -14.59 -3.08
N ASP A 176 9.16 -15.83 -3.34
CA ASP A 176 10.38 -16.03 -4.10
CA ASP A 176 10.37 -16.07 -4.12
C ASP A 176 10.23 -15.56 -5.54
N VAL A 177 9.08 -15.84 -6.16
CA VAL A 177 8.82 -15.41 -7.53
C VAL A 177 8.91 -13.89 -7.66
N LEU A 178 8.33 -13.18 -6.69
CA LEU A 178 8.30 -11.71 -6.72
C LEU A 178 9.65 -11.13 -6.34
N HIS A 179 10.32 -11.76 -5.36
CA HIS A 179 11.67 -11.35 -5.01
C HIS A 179 12.62 -11.54 -6.21
N GLU A 180 12.55 -12.68 -6.89
CA GLU A 180 13.37 -12.88 -8.08
C GLU A 180 13.11 -11.80 -9.13
N ALA A 181 11.85 -11.39 -9.28
CA ALA A 181 11.54 -10.34 -10.26
C ALA A 181 12.27 -9.04 -9.93
N LEU A 182 12.24 -8.63 -8.67
CA LEU A 182 12.95 -7.43 -8.26
C LEU A 182 14.46 -7.58 -8.46
N GLN A 183 15.00 -8.72 -8.03
CA GLN A 183 16.42 -8.98 -8.23
C GLN A 183 16.80 -8.88 -9.71
N ASP A 184 16.03 -9.52 -10.58
CA ASP A 184 16.33 -9.51 -12.00
CA ASP A 184 16.32 -9.50 -12.00
C ASP A 184 16.16 -8.11 -12.59
N TYR A 185 15.12 -7.39 -12.15
CA TYR A 185 14.95 -6.03 -12.63
C TYR A 185 16.15 -5.16 -12.27
N GLU A 186 16.60 -5.22 -11.02
CA GLU A 186 17.70 -4.35 -10.61
C GLU A 186 19.01 -4.77 -11.25
N ALA A 187 19.21 -6.07 -11.47
CA ALA A 187 20.46 -6.51 -12.07
C ALA A 187 20.56 -6.05 -13.52
N GLY A 188 19.43 -5.90 -14.20
CA GLY A 188 19.44 -5.50 -15.59
C GLY A 188 19.40 -4.00 -15.75
N GLN A 189 18.64 -3.32 -14.89
CA GLN A 189 18.41 -1.89 -15.07
C GLN A 189 19.30 -1.02 -14.21
N HIS A 190 19.94 -1.58 -13.18
CA HIS A 190 20.67 -0.79 -12.21
C HIS A 190 22.02 -1.45 -11.90
N MET A 191 22.78 -1.73 -12.96
CA MET A 191 24.10 -2.32 -12.74
C MET A 191 25.03 -1.41 -11.96
N GLU A 192 24.73 -0.11 -11.91
CA GLU A 192 25.61 0.80 -11.18
C GLU A 192 25.56 0.56 -9.68
N ASP A 193 24.53 -0.14 -9.20
CA ASP A 193 24.35 -0.39 -7.77
C ASP A 193 23.96 -1.85 -7.59
N PRO A 194 24.95 -2.72 -7.35
CA PRO A 194 24.64 -4.15 -7.17
C PRO A 194 23.89 -4.45 -5.88
N ARG A 195 23.57 -3.44 -5.07
CA ARG A 195 22.80 -3.65 -3.85
C ARG A 195 21.47 -2.92 -3.89
N ARG A 196 21.00 -2.48 -5.07
CA ARG A 196 19.74 -1.72 -5.08
C ARG A 196 18.55 -2.59 -4.70
N ALA A 197 18.50 -3.86 -5.15
CA ALA A 197 17.38 -4.71 -4.77
C ALA A 197 17.28 -4.83 -3.25
N GLY A 198 18.41 -5.08 -2.59
CA GLY A 198 18.37 -5.17 -1.15
C GLY A 198 18.00 -3.86 -0.49
N LYS A 199 18.48 -2.73 -1.05
CA LYS A 199 18.06 -1.43 -0.55
CA LYS A 199 18.06 -1.44 -0.55
C LYS A 199 16.55 -1.28 -0.60
N MET A 200 15.95 -1.74 -1.71
CA MET A 200 14.49 -1.68 -1.84
C MET A 200 13.82 -2.54 -0.79
N LEU A 201 14.32 -3.76 -0.58
CA LEU A 201 13.76 -4.61 0.48
C LEU A 201 13.93 -3.99 1.85
N MET A 202 15.01 -3.26 2.08
CA MET A 202 15.25 -2.66 3.38
CA MET A 202 15.22 -2.70 3.40
C MET A 202 14.34 -1.48 3.67
N THR A 203 13.53 -1.04 2.69
CA THR A 203 12.51 -0.03 3.00
C THR A 203 11.23 -0.67 3.54
N LEU A 204 11.11 -1.98 3.49
CA LEU A 204 9.89 -2.65 3.93
C LEU A 204 9.65 -2.56 5.44
N PRO A 205 10.66 -2.56 6.30
CA PRO A 205 10.36 -2.38 7.74
C PRO A 205 9.64 -1.07 8.06
N LEU A 206 10.08 0.05 7.48
CA LEU A 206 9.40 1.31 7.74
C LEU A 206 7.97 1.30 7.17
N LEU A 207 7.77 0.63 6.04
CA LEU A 207 6.40 0.48 5.52
C LEU A 207 5.52 -0.28 6.51
N ARG A 208 6.04 -1.41 7.02
CA ARG A 208 5.27 -2.17 7.99
C ARG A 208 5.00 -1.35 9.24
N GLN A 209 6.00 -0.58 9.69
CA GLN A 209 5.85 0.23 10.90
C GLN A 209 4.76 1.29 10.72
N THR A 210 4.80 1.97 9.59
CA THR A 210 3.81 3.02 9.30
C THR A 210 2.41 2.43 9.14
N SER A 211 2.31 1.28 8.48
CA SER A 211 1.00 0.63 8.31
CA SER A 211 0.99 0.68 8.31
C SER A 211 0.39 0.26 9.65
N THR A 212 1.19 -0.32 10.55
CA THR A 212 0.70 -0.63 11.89
C THR A 212 0.19 0.62 12.60
N LYS A 213 0.92 1.74 12.49
CA LYS A 213 0.46 3.00 13.07
C LYS A 213 -0.90 3.41 12.50
N ALA A 214 -1.06 3.27 11.18
CA ALA A 214 -2.32 3.65 10.55
C ALA A 214 -3.46 2.74 10.96
N VAL A 215 -3.21 1.42 11.01
CA VAL A 215 -4.28 0.48 11.39
C VAL A 215 -4.74 0.77 12.82
N GLN A 216 -3.79 1.03 13.72
CA GLN A 216 -4.16 1.31 15.11
C GLN A 216 -4.97 2.59 15.21
N HIS A 217 -4.53 3.64 14.50
CA HIS A 217 -5.23 4.91 14.54
C HIS A 217 -6.67 4.77 14.03
N PHE A 218 -6.86 4.12 12.89
CA PHE A 218 -8.20 4.05 12.34
C PHE A 218 -9.07 3.03 13.07
N TYR A 219 -8.46 2.04 13.72
CA TYR A 219 -9.24 1.18 14.60
C TYR A 219 -9.79 1.96 15.79
N ASN A 220 -9.00 2.89 16.34
CA ASN A 220 -9.51 3.73 17.42
C ASN A 220 -10.64 4.63 16.90
N ILE A 221 -10.46 5.19 15.71
CA ILE A 221 -11.53 5.96 15.07
CA ILE A 221 -11.54 5.95 15.08
C ILE A 221 -12.78 5.07 14.92
N LYS A 222 -12.59 3.80 14.57
CA LYS A 222 -13.73 2.90 14.45
C LYS A 222 -14.45 2.76 15.79
N LEU A 223 -13.68 2.62 16.88
CA LEU A 223 -14.28 2.45 18.20
C LEU A 223 -15.04 3.69 18.65
N GLU A 224 -14.48 4.88 18.40
CA GLU A 224 -15.14 6.12 18.80
C GLU A 224 -16.51 6.29 18.13
N GLY A 225 -16.75 5.64 16.99
CA GLY A 225 -18.06 5.59 16.40
C GLY A 225 -18.55 6.87 15.74
N LYS A 226 -17.71 7.89 15.63
CA LYS A 226 -18.15 9.15 15.02
C LYS A 226 -17.89 9.25 13.53
N VAL A 227 -17.16 8.30 12.94
CA VAL A 227 -16.87 8.33 11.51
C VAL A 227 -17.52 7.10 10.88
N PRO A 228 -18.45 7.27 9.95
CA PRO A 228 -19.07 6.10 9.30
C PRO A 228 -18.09 5.41 8.36
N MET A 229 -18.13 4.09 8.38
CA MET A 229 -17.22 3.28 7.58
C MET A 229 -17.99 2.21 6.83
N HIS A 230 -17.48 1.85 5.66
CA HIS A 230 -18.14 0.88 4.80
C HIS A 230 -17.70 -0.54 5.15
N LYS A 231 -18.40 -1.52 4.55
CA LYS A 231 -18.31 -2.91 4.95
C LYS A 231 -16.90 -3.47 4.76
N LEU A 232 -16.33 -3.29 3.57
CA LEU A 232 -15.05 -3.90 3.26
C LEU A 232 -13.93 -3.31 4.12
N PHE A 233 -13.88 -1.98 4.22
CA PHE A 233 -12.89 -1.32 5.08
C PHE A 233 -13.02 -1.79 6.52
N LEU A 234 -14.26 -1.92 7.01
CA LEU A 234 -14.47 -2.38 8.38
C LEU A 234 -13.98 -3.81 8.56
N GLU A 235 -14.20 -4.64 7.56
CA GLU A 235 -13.82 -6.04 7.65
C GLU A 235 -12.31 -6.21 7.59
N MET A 236 -11.61 -5.33 6.87
CA MET A 236 -10.14 -5.33 6.88
C MET A 236 -9.60 -4.80 8.19
N LEU A 237 -10.21 -3.73 8.71
CA LEU A 237 -9.81 -3.20 9.99
C LEU A 237 -10.05 -4.20 11.12
N GLU A 238 -11.11 -5.02 11.00
CA GLU A 238 -11.43 -5.96 12.05
CA GLU A 238 -11.46 -5.98 12.03
C GLU A 238 -10.62 -7.25 11.95
N ALA A 239 -10.17 -7.61 10.77
CA ALA A 239 -9.32 -8.81 10.61
C ALA A 239 -7.93 -8.60 11.18
N LYS A 240 -7.66 -7.45 11.81
CA LYS A 240 -6.30 -7.03 12.14
C LYS A 240 -6.18 -6.68 13.63
N VAL A 241 -7.14 -7.09 14.45
CA VAL A 241 -7.17 -6.76 15.86
C VAL A 241 -8.25 -7.58 16.57
CAB H42 B . -6.57 5.99 0.97
CAC H42 B . -7.00 6.17 2.29
CAD H42 B . -4.37 5.32 1.76
CAE H42 B . -5.66 5.38 5.83
CAF H42 B . -4.21 5.83 5.56
CAG H42 B . -6.44 6.12 4.66
CAH H42 B . -4.01 5.23 4.14
CAI H42 B . -5.27 5.56 0.71
CAJ H42 B . -6.11 5.88 3.32
CAK H42 B . -4.80 5.54 3.06
OAA H42 B . -4.86 5.39 -0.59
C1 GOL C . -19.50 2.13 11.01
O1 GOL C . -19.98 2.93 9.97
C2 GOL C . -18.97 3.08 12.11
O2 GOL C . -19.99 3.85 12.68
C3 GOL C . -18.29 2.16 13.14
O3 GOL C . -17.57 2.99 13.99
C1 GOL D . 0.63 4.50 -9.58
O1 GOL D . -0.45 4.03 -10.35
C2 GOL D . 0.19 5.80 -8.92
O2 GOL D . 0.30 6.88 -9.79
C3 GOL D . -1.29 5.54 -8.47
O3 GOL D . -1.25 5.06 -7.16
#